data_5U32
#
_entry.id   5U32
#
_cell.length_a   49.944
_cell.length_b   56.304
_cell.length_c   82.393
_cell.angle_alpha   90.00
_cell.angle_beta   90.00
_cell.angle_gamma   90.00
#
_symmetry.space_group_name_H-M   'P 21 21 21'
#
loop_
_entity.id
_entity.type
_entity.pdbx_description
1 polymer 'tRNA ligase'
2 non-polymer "GUANOSINE-5'-DIPHOSPHATE"
3 non-polymer 'MAGNESIUM ION'
4 water water
#
_entity_poly.entity_id   1
_entity_poly.type   'polypeptide(L)'
_entity_poly.pdbx_seq_one_letter_code
;MANGNEGLSTTTKYIFVPIATIGCGKTTVFNTLNNLFPQWTHIQNDNISKKAKLKICDLTLLALEDDDQSVVLFDRNNSA
SRERRQIFTTIDQKRDEHLDDTVDLKYIAINFIPEDLSEEELWDITYNRVIQRGDNHQSIKSQLDENLVESVMKGFIQRY
QPINTSRSPDDQFDHVIHLKLSKDENSSKSSLENVRIIIDDLVQNFPDLIKEKPADELINECFQKALDYKPTFVKN
;
_entity_poly.pdbx_strand_id   A
#
# COMPACT_ATOMS: atom_id res chain seq x y z
N LEU A 8 -17.07 18.88 4.42
CA LEU A 8 -17.89 20.07 4.60
C LEU A 8 -17.98 20.91 3.32
N SER A 9 -16.85 21.15 2.66
CA SER A 9 -16.84 22.05 1.51
C SER A 9 -16.02 21.48 0.34
N THR A 10 -14.83 20.91 0.64
CA THR A 10 -13.98 20.32 -0.38
C THR A 10 -13.08 19.23 0.21
N THR A 11 -13.65 18.06 0.50
CA THR A 11 -12.89 17.02 1.20
C THR A 11 -11.94 16.26 0.26
N THR A 12 -10.76 15.92 0.79
CA THR A 12 -9.73 15.20 0.04
C THR A 12 -9.68 13.77 0.52
N LYS A 13 -9.70 12.83 -0.42
CA LYS A 13 -9.54 11.42 -0.12
C LYS A 13 -8.23 10.93 -0.72
N TYR A 14 -7.65 9.91 -0.10
CA TYR A 14 -6.38 9.37 -0.54
C TYR A 14 -6.51 7.86 -0.73
N ILE A 15 -5.93 7.36 -1.81
CA ILE A 15 -5.77 5.92 -2.05
C ILE A 15 -4.28 5.62 -2.05
N PHE A 16 -3.83 4.75 -1.14
CA PHE A 16 -2.42 4.38 -1.03
C PHE A 16 -2.19 3.15 -1.90
N VAL A 17 -1.40 3.30 -2.96
CA VAL A 17 -1.22 2.23 -3.91
C VAL A 17 0.22 1.68 -3.74
N PRO A 18 0.39 0.48 -3.21
CA PRO A 18 1.72 -0.11 -3.21
C PRO A 18 2.06 -0.56 -4.61
N ILE A 19 3.36 -0.52 -4.87
CA ILE A 19 4.01 -1.21 -5.97
C ILE A 19 4.99 -2.14 -5.29
N ALA A 20 4.79 -3.45 -5.44
CA ALA A 20 5.41 -4.42 -4.55
C ALA A 20 5.24 -5.81 -5.14
N THR A 21 6.04 -6.74 -4.66
CA THR A 21 5.82 -8.16 -4.84
C THR A 21 5.52 -8.79 -3.49
N ILE A 22 5.28 -10.11 -3.49
CA ILE A 22 4.82 -10.78 -2.27
C ILE A 22 5.92 -10.70 -1.21
N GLY A 23 5.50 -10.46 0.03
CA GLY A 23 6.40 -10.48 1.16
C GLY A 23 7.26 -9.25 1.33
N CYS A 24 6.98 -8.17 0.59
CA CYS A 24 7.69 -6.90 0.77
C CYS A 24 7.31 -6.19 2.07
N GLY A 25 6.24 -6.62 2.74
CA GLY A 25 5.77 -5.97 3.94
C GLY A 25 4.49 -5.15 3.81
N LYS A 26 3.76 -5.28 2.68
CA LYS A 26 2.55 -4.48 2.46
C LYS A 26 1.57 -4.60 3.61
N THR A 27 1.21 -5.83 3.96
CA THR A 27 0.13 -5.99 4.93
C THR A 27 0.60 -5.59 6.33
N THR A 28 1.87 -5.86 6.65
CA THR A 28 2.42 -5.46 7.94
C THR A 28 2.43 -3.93 8.07
N VAL A 29 2.87 -3.25 7.02
CA VAL A 29 2.92 -1.79 7.06
C VAL A 29 1.51 -1.20 7.13
N PHE A 30 0.59 -1.72 6.30
CA PHE A 30 -0.78 -1.20 6.29
C PHE A 30 -1.50 -1.53 7.59
N ASN A 31 -1.28 -2.73 8.14
CA ASN A 31 -1.86 -3.07 9.44
C ASN A 31 -1.34 -2.14 10.53
N THR A 32 -0.03 -1.82 10.52
CA THR A 32 0.52 -0.90 11.50
C THR A 32 -0.15 0.47 11.37
N LEU A 33 -0.23 0.97 10.14
CA LEU A 33 -0.88 2.26 9.92
C LEU A 33 -2.34 2.22 10.39
N ASN A 34 -3.08 1.17 10.00
CA ASN A 34 -4.47 1.09 10.45
C ASN A 34 -4.55 1.07 11.97
N ASN A 35 -3.60 0.38 12.61
CA ASN A 35 -3.55 0.33 14.08
C ASN A 35 -3.34 1.72 14.66
N LEU A 36 -2.55 2.57 13.98
CA LEU A 36 -2.36 3.94 14.45
C LEU A 36 -3.54 4.83 14.11
N PHE A 37 -4.13 4.65 12.94
CA PHE A 37 -5.21 5.51 12.46
C PHE A 37 -6.43 4.64 12.19
N PRO A 38 -7.23 4.34 13.22
CA PRO A 38 -8.32 3.37 13.07
C PRO A 38 -9.39 3.81 12.10
N GLN A 39 -9.46 5.08 11.72
CA GLN A 39 -10.46 5.53 10.77
C GLN A 39 -10.09 5.19 9.32
N TRP A 40 -8.80 4.91 9.07
CA TRP A 40 -8.39 4.53 7.71
C TRP A 40 -8.97 3.16 7.38
N THR A 41 -9.28 2.96 6.10
CA THR A 41 -9.90 1.72 5.64
C THR A 41 -8.86 0.89 4.92
N HIS A 42 -8.55 -0.27 5.47
CA HIS A 42 -7.55 -1.17 4.90
C HIS A 42 -8.30 -2.25 4.16
N ILE A 43 -8.17 -2.26 2.83
CA ILE A 43 -8.85 -3.24 1.98
C ILE A 43 -7.80 -4.18 1.42
N GLN A 44 -7.94 -5.48 1.73
CA GLN A 44 -6.92 -6.47 1.41
C GLN A 44 -7.43 -7.37 0.28
N ASN A 45 -6.81 -7.24 -0.89
CA ASN A 45 -7.19 -8.06 -2.03
C ASN A 45 -7.13 -9.55 -1.69
N ASP A 46 -6.20 -9.95 -0.83
CA ASP A 46 -6.09 -11.34 -0.39
C ASP A 46 -7.34 -11.84 0.29
N ASN A 47 -8.22 -10.95 0.75
CA ASN A 47 -9.44 -11.37 1.43
C ASN A 47 -10.65 -11.38 0.51
N ILE A 48 -10.48 -11.02 -0.76
CA ILE A 48 -11.58 -10.87 -1.71
C ILE A 48 -11.56 -12.06 -2.69
N SER A 49 -12.69 -12.75 -2.79
CA SER A 49 -12.84 -13.84 -3.75
C SER A 49 -12.70 -13.33 -5.18
N LYS A 50 -12.06 -14.15 -6.04
CA LYS A 50 -11.88 -13.78 -7.44
C LYS A 50 -13.22 -13.74 -8.19
N LYS A 51 -14.22 -14.49 -7.72
CA LYS A 51 -15.59 -14.27 -8.17
C LYS A 51 -16.40 -13.62 -7.05
N ALA A 52 -16.02 -12.40 -6.66
CA ALA A 52 -16.80 -11.62 -5.72
C ALA A 52 -17.55 -10.52 -6.45
N LYS A 53 -18.75 -10.22 -5.99
CA LYS A 53 -19.57 -9.19 -6.63
C LYS A 53 -18.85 -7.85 -6.63
N LEU A 54 -18.33 -7.45 -5.48
CA LEU A 54 -17.57 -6.22 -5.33
C LEU A 54 -16.08 -6.58 -5.26
N LYS A 55 -15.31 -6.11 -6.23
CA LYS A 55 -13.87 -6.29 -6.21
C LYS A 55 -13.21 -5.11 -5.50
N ILE A 56 -11.88 -5.11 -5.43
CA ILE A 56 -11.19 -4.14 -4.59
C ILE A 56 -11.44 -2.71 -5.05
N CYS A 57 -11.60 -2.48 -6.36
CA CYS A 57 -11.85 -1.12 -6.81
C CYS A 57 -13.22 -0.63 -6.39
N ASP A 58 -14.22 -1.53 -6.44
CA ASP A 58 -15.56 -1.19 -5.97
C ASP A 58 -15.56 -0.94 -4.47
N LEU A 59 -14.88 -1.81 -3.72
CA LEU A 59 -14.84 -1.64 -2.28
C LEU A 59 -14.11 -0.36 -1.89
N THR A 60 -13.15 0.08 -2.70
CA THR A 60 -12.42 1.31 -2.42
C THR A 60 -13.35 2.53 -2.49
N LEU A 61 -14.09 2.66 -3.60
CA LEU A 61 -15.00 3.79 -3.74
C LEU A 61 -16.08 3.77 -2.66
N LEU A 62 -16.64 2.59 -2.37
CA LEU A 62 -17.62 2.48 -1.30
C LEU A 62 -17.06 2.97 0.02
N ALA A 63 -15.76 2.70 0.27
CA ALA A 63 -15.08 3.11 1.49
C ALA A 63 -14.54 4.54 1.42
N LEU A 64 -15.03 5.35 0.48
CA LEU A 64 -14.64 6.75 0.38
C LEU A 64 -15.88 7.67 0.32
N GLU A 65 -17.07 7.11 0.47
CA GLU A 65 -18.28 7.92 0.32
C GLU A 65 -18.52 8.83 1.52
N ASP A 66 -18.47 8.29 2.74
CA ASP A 66 -18.81 9.10 3.92
C ASP A 66 -17.81 10.23 4.12
N ASP A 67 -18.27 11.29 4.79
CA ASP A 67 -17.32 12.28 5.28
C ASP A 67 -16.38 11.69 6.31
N ASP A 68 -16.70 10.50 6.82
CA ASP A 68 -15.87 9.76 7.76
C ASP A 68 -14.59 9.26 7.09
N GLN A 69 -14.73 8.75 5.88
CA GLN A 69 -13.75 7.87 5.26
C GLN A 69 -12.87 8.69 4.34
N SER A 70 -11.60 8.83 4.70
CA SER A 70 -10.67 9.64 3.94
C SER A 70 -9.57 8.83 3.29
N VAL A 71 -9.22 7.67 3.85
CA VAL A 71 -8.03 6.95 3.44
C VAL A 71 -8.41 5.52 3.12
N VAL A 72 -8.00 5.05 1.95
CA VAL A 72 -8.05 3.65 1.61
C VAL A 72 -6.63 3.15 1.46
N LEU A 73 -6.27 2.15 2.27
CA LEU A 73 -5.05 1.37 2.11
C LEU A 73 -5.36 0.23 1.14
N PHE A 74 -4.90 0.39 -0.10
CA PHE A 74 -5.20 -0.49 -1.22
C PHE A 74 -4.20 -1.64 -1.23
N ASP A 75 -4.57 -2.77 -0.62
CA ASP A 75 -3.59 -3.82 -0.32
C ASP A 75 -3.55 -4.88 -1.42
N ARG A 76 -2.78 -4.58 -2.46
CA ARG A 76 -2.52 -5.46 -3.60
C ARG A 76 -1.08 -5.18 -4.03
N ASN A 77 -0.48 -6.15 -4.75
CA ASN A 77 0.92 -5.99 -5.14
C ASN A 77 1.11 -4.89 -6.18
N ASN A 78 0.31 -4.92 -7.25
CA ASN A 78 0.42 -3.95 -8.34
C ASN A 78 1.84 -3.93 -8.88
N SER A 79 2.44 -5.11 -8.96
CA SER A 79 3.80 -5.24 -9.45
C SER A 79 3.88 -4.93 -10.93
N ALA A 80 2.78 -5.13 -11.65
CA ALA A 80 2.71 -4.92 -13.08
C ALA A 80 2.13 -3.54 -13.37
N SER A 81 2.67 -2.89 -14.40
CA SER A 81 2.20 -1.56 -14.78
C SER A 81 0.69 -1.55 -15.01
N ARG A 82 0.18 -2.54 -15.74
CA ARG A 82 -1.24 -2.63 -16.03
C ARG A 82 -2.09 -2.64 -14.77
N GLU A 83 -1.56 -3.18 -13.67
CA GLU A 83 -2.32 -3.20 -12.43
C GLU A 83 -2.49 -1.81 -11.84
N ARG A 84 -1.51 -0.91 -12.04
CA ARG A 84 -1.74 0.48 -11.66
C ARG A 84 -2.70 1.17 -12.62
N ARG A 85 -2.58 0.89 -13.92
CA ARG A 85 -3.49 1.48 -14.90
C ARG A 85 -4.94 1.12 -14.57
N GLN A 86 -5.19 -0.15 -14.25
CA GLN A 86 -6.53 -0.56 -13.86
C GLN A 86 -7.08 0.32 -12.75
N ILE A 87 -6.26 0.57 -11.72
CA ILE A 87 -6.75 1.32 -10.57
C ILE A 87 -7.23 2.71 -11.00
N PHE A 88 -6.36 3.47 -11.68
CA PHE A 88 -6.73 4.82 -12.10
C PHE A 88 -7.96 4.80 -13.00
N THR A 89 -7.92 4.00 -14.06
CA THR A 89 -9.01 4.00 -15.02
C THR A 89 -10.31 3.58 -14.35
N THR A 90 -10.30 2.46 -13.62
CA THR A 90 -11.52 1.99 -13.00
C THR A 90 -12.06 3.00 -11.98
N ILE A 91 -11.19 3.55 -11.14
CA ILE A 91 -11.69 4.44 -10.09
C ILE A 91 -12.13 5.77 -10.70
N ASP A 92 -11.33 6.34 -11.60
CA ASP A 92 -11.74 7.57 -12.28
C ASP A 92 -13.08 7.40 -12.97
N GLN A 93 -13.37 6.18 -13.42
CA GLN A 93 -14.51 5.92 -14.27
C GLN A 93 -15.79 5.71 -13.48
N LYS A 94 -15.67 5.31 -12.22
CA LYS A 94 -16.80 5.07 -11.36
C LYS A 94 -16.90 6.11 -10.25
N ARG A 95 -15.98 7.07 -10.22
CA ARG A 95 -15.97 8.09 -9.17
C ARG A 95 -17.22 8.97 -9.23
N ASP A 96 -17.67 9.35 -10.44
CA ASP A 96 -18.87 10.18 -10.54
C ASP A 96 -20.14 9.43 -10.16
N GLU A 97 -20.08 8.10 -10.06
CA GLU A 97 -21.26 7.38 -9.57
C GLU A 97 -21.52 7.70 -8.09
N HIS A 98 -20.46 7.85 -7.30
CA HIS A 98 -20.56 7.92 -5.85
C HIS A 98 -20.16 9.24 -5.24
N LEU A 99 -19.19 9.94 -5.82
CA LEU A 99 -18.61 11.13 -5.21
C LEU A 99 -19.06 12.37 -5.95
N ASP A 100 -19.41 13.42 -5.21
CA ASP A 100 -19.81 14.67 -5.83
C ASP A 100 -18.57 15.47 -6.22
N ASP A 101 -18.79 16.56 -6.95
CA ASP A 101 -17.68 17.25 -7.58
C ASP A 101 -16.85 18.07 -6.60
N THR A 102 -17.18 18.04 -5.30
CA THR A 102 -16.32 18.66 -4.30
C THR A 102 -15.25 17.72 -3.76
N VAL A 103 -15.27 16.44 -4.12
CA VAL A 103 -14.33 15.48 -3.56
C VAL A 103 -13.04 15.50 -4.37
N ASP A 104 -11.93 15.79 -3.70
CA ASP A 104 -10.60 15.77 -4.31
C ASP A 104 -9.94 14.43 -3.99
N LEU A 105 -9.62 13.67 -5.02
CA LEU A 105 -9.09 12.32 -4.85
C LEU A 105 -7.61 12.30 -5.22
N LYS A 106 -6.76 11.82 -4.31
CA LYS A 106 -5.33 11.77 -4.57
C LYS A 106 -4.82 10.34 -4.48
N TYR A 107 -3.96 9.95 -5.44
CA TYR A 107 -3.31 8.65 -5.44
C TYR A 107 -1.88 8.81 -4.94
N ILE A 108 -1.53 8.06 -3.91
CA ILE A 108 -0.18 8.08 -3.36
C ILE A 108 0.43 6.71 -3.57
N ALA A 109 1.49 6.65 -4.36
CA ALA A 109 2.23 5.42 -4.55
C ALA A 109 3.10 5.15 -3.32
N ILE A 110 3.14 3.88 -2.92
CA ILE A 110 4.00 3.42 -1.84
C ILE A 110 4.94 2.41 -2.48
N ASN A 111 6.13 2.86 -2.86
CA ASN A 111 7.05 2.02 -3.62
C ASN A 111 7.83 1.17 -2.65
N PHE A 112 7.57 -0.14 -2.65
CA PHE A 112 8.18 -1.06 -1.70
C PHE A 112 9.51 -1.64 -2.16
N ILE A 113 9.90 -1.40 -3.40
CA ILE A 113 11.10 -2.02 -3.97
C ILE A 113 12.03 -0.92 -4.49
N PRO A 114 13.14 -0.62 -3.79
CA PRO A 114 14.04 0.44 -4.24
C PRO A 114 14.49 0.27 -5.69
N GLU A 115 14.72 1.42 -6.35
CA GLU A 115 15.20 1.45 -7.72
C GLU A 115 16.44 0.58 -7.92
N ASP A 116 17.38 0.65 -6.99
CA ASP A 116 18.68 0.00 -7.16
C ASP A 116 18.71 -1.42 -6.63
N LEU A 117 17.57 -2.00 -6.30
CA LEU A 117 17.58 -3.37 -5.78
C LEU A 117 17.64 -4.35 -6.95
N SER A 118 18.55 -5.31 -6.86
CA SER A 118 18.61 -6.41 -7.82
C SER A 118 17.52 -7.44 -7.53
N GLU A 119 17.07 -8.12 -8.58
CA GLU A 119 16.12 -9.22 -8.42
C GLU A 119 16.64 -10.29 -7.47
N GLU A 120 17.95 -10.53 -7.46
CA GLU A 120 18.54 -11.52 -6.56
C GLU A 120 18.30 -11.13 -5.11
N GLU A 121 18.56 -9.87 -4.76
CA GLU A 121 18.35 -9.45 -3.38
C GLU A 121 16.87 -9.29 -3.07
N LEU A 122 16.08 -8.85 -4.04
CA LEU A 122 14.63 -8.82 -3.85
C LEU A 122 14.10 -10.20 -3.52
N TRP A 123 14.50 -11.20 -4.32
CA TRP A 123 14.11 -12.57 -4.06
C TRP A 123 14.58 -13.04 -2.69
N ASP A 124 15.88 -12.85 -2.39
CA ASP A 124 16.44 -13.35 -1.13
C ASP A 124 15.68 -12.83 0.07
N ILE A 125 15.31 -11.55 0.07
CA ILE A 125 14.69 -10.95 1.25
C ILE A 125 13.24 -11.38 1.37
N THR A 126 12.50 -11.32 0.26
CA THR A 126 11.08 -11.65 0.34
C THR A 126 10.86 -13.15 0.50
N TYR A 127 11.65 -13.97 -0.20
CA TYR A 127 11.44 -15.41 -0.12
C TYR A 127 11.66 -15.93 1.29
N ASN A 128 12.78 -15.54 1.91
CA ASN A 128 13.03 -16.03 3.27
C ASN A 128 12.03 -15.47 4.27
N ARG A 129 11.56 -14.24 4.06
CA ARG A 129 10.47 -13.74 4.90
C ARG A 129 9.27 -14.66 4.85
N VAL A 130 8.91 -15.12 3.65
CA VAL A 130 7.64 -15.84 3.50
C VAL A 130 7.76 -17.28 3.98
N ILE A 131 8.89 -17.95 3.71
CA ILE A 131 9.03 -19.32 4.19
C ILE A 131 9.13 -19.37 5.71
N GLN A 132 9.87 -18.43 6.31
CA GLN A 132 10.01 -18.41 7.76
C GLN A 132 8.71 -18.02 8.44
N LEU A 144 -0.18 -25.20 1.00
CA LEU A 144 1.11 -24.53 0.98
C LEU A 144 2.18 -25.54 0.58
N ASP A 145 2.01 -26.14 -0.60
CA ASP A 145 3.13 -26.84 -1.22
C ASP A 145 4.27 -25.85 -1.43
N GLU A 146 5.44 -26.18 -0.87
CA GLU A 146 6.55 -25.25 -0.95
C GLU A 146 6.86 -24.85 -2.38
N ASN A 147 6.69 -25.76 -3.34
CA ASN A 147 7.06 -25.39 -4.68
C ASN A 147 6.06 -24.43 -5.32
N LEU A 148 4.81 -24.42 -4.84
CA LEU A 148 3.82 -23.55 -5.47
C LEU A 148 3.76 -22.18 -4.80
N VAL A 149 4.17 -22.04 -3.54
CA VAL A 149 4.32 -20.70 -2.97
C VAL A 149 5.52 -20.00 -3.60
N GLU A 150 6.64 -20.71 -3.74
CA GLU A 150 7.74 -20.20 -4.55
C GLU A 150 7.27 -19.78 -5.92
N SER A 151 6.49 -20.64 -6.59
CA SER A 151 6.12 -20.39 -7.98
C SER A 151 5.22 -19.18 -8.14
N VAL A 152 4.31 -18.93 -7.18
CA VAL A 152 3.45 -17.75 -7.29
C VAL A 152 4.27 -16.49 -7.05
N MET A 153 5.19 -16.52 -6.09
CA MET A 153 6.03 -15.37 -5.83
C MET A 153 6.86 -15.00 -7.05
N LYS A 154 7.42 -16.01 -7.73
CA LYS A 154 8.16 -15.76 -8.96
C LYS A 154 7.31 -15.07 -10.00
N GLY A 155 6.04 -15.46 -10.14
CA GLY A 155 5.20 -14.83 -11.14
C GLY A 155 5.01 -13.33 -10.92
N PHE A 156 4.86 -12.91 -9.67
CA PHE A 156 4.74 -11.49 -9.39
C PHE A 156 6.04 -10.76 -9.68
N ILE A 157 7.18 -11.44 -9.49
CA ILE A 157 8.46 -10.81 -9.79
C ILE A 157 8.69 -10.75 -11.29
N GLN A 158 8.35 -11.83 -12.02
CA GLN A 158 8.47 -11.82 -13.47
C GLN A 158 7.67 -10.68 -14.09
N ARG A 159 6.51 -10.35 -13.49
CA ARG A 159 5.65 -9.28 -14.01
C ARG A 159 6.03 -7.89 -13.50
N TYR A 160 6.96 -7.81 -12.55
CA TYR A 160 7.30 -6.56 -11.91
C TYR A 160 7.81 -5.53 -12.90
N GLN A 161 7.13 -4.39 -12.98
CA GLN A 161 7.62 -3.26 -13.77
C GLN A 161 7.82 -2.08 -12.83
N PRO A 162 9.05 -1.63 -12.62
CA PRO A 162 9.29 -0.55 -11.66
C PRO A 162 8.44 0.67 -11.97
N ILE A 163 8.14 1.44 -10.92
CA ILE A 163 7.36 2.66 -11.10
C ILE A 163 8.11 3.59 -12.03
N ASN A 164 7.37 4.25 -12.92
CA ASN A 164 7.96 5.17 -13.88
C ASN A 164 6.97 6.34 -14.01
N THR A 165 7.15 7.36 -13.19
CA THR A 165 6.23 8.49 -13.14
C THR A 165 6.42 9.42 -14.31
N SER A 166 7.31 9.12 -15.24
CA SER A 166 7.51 9.95 -16.41
C SER A 166 6.54 9.63 -17.55
N ARG A 167 5.85 8.50 -17.47
CA ARG A 167 4.93 8.08 -18.52
C ARG A 167 3.69 7.43 -17.90
N SER A 168 2.73 7.15 -18.76
CA SER A 168 1.52 6.47 -18.34
C SER A 168 1.87 5.06 -17.87
N PRO A 169 1.18 4.53 -16.84
CA PRO A 169 0.12 5.16 -16.07
C PRO A 169 0.59 5.82 -14.78
N ASP A 170 1.83 5.53 -14.38
CA ASP A 170 2.33 5.98 -13.08
C ASP A 170 2.41 7.49 -12.98
N ASP A 171 2.44 8.20 -14.11
CA ASP A 171 2.44 9.66 -14.01
C ASP A 171 1.13 10.19 -13.44
N GLN A 172 0.10 9.36 -13.27
CA GLN A 172 -1.12 9.83 -12.65
C GLN A 172 -1.03 9.88 -11.13
N PHE A 173 0.02 9.34 -10.53
CA PHE A 173 0.16 9.44 -9.09
C PHE A 173 0.39 10.90 -8.68
N ASP A 174 -0.23 11.31 -7.57
CA ASP A 174 -0.04 12.65 -7.08
C ASP A 174 1.25 12.80 -6.29
N HIS A 175 1.83 11.68 -5.89
CA HIS A 175 2.95 11.68 -4.97
C HIS A 175 3.42 10.24 -4.82
N VAL A 176 4.73 10.07 -4.61
CA VAL A 176 5.33 8.75 -4.41
C VAL A 176 6.05 8.77 -3.07
N ILE A 177 5.90 7.70 -2.30
CA ILE A 177 6.68 7.50 -1.10
C ILE A 177 7.61 6.32 -1.36
N HIS A 178 8.91 6.56 -1.30
CA HIS A 178 9.91 5.54 -1.56
C HIS A 178 10.28 4.88 -0.26
N LEU A 179 10.06 3.57 -0.17
CA LEU A 179 10.42 2.78 0.99
C LEU A 179 11.76 2.14 0.79
N LYS A 180 12.27 1.57 1.87
CA LYS A 180 13.42 0.68 1.84
C LYS A 180 12.98 -0.77 1.95
N LEU A 181 13.81 -1.64 1.41
CA LEU A 181 13.62 -3.08 1.47
C LEU A 181 15.01 -3.62 1.81
N SER A 182 15.21 -3.92 3.09
CA SER A 182 16.49 -4.38 3.59
C SER A 182 16.28 -5.60 4.43
N LYS A 183 17.32 -6.42 4.53
CA LYS A 183 17.44 -7.28 5.68
C LYS A 183 17.46 -6.39 6.92
N ASP A 184 16.87 -6.87 8.00
CA ASP A 184 16.84 -6.07 9.21
C ASP A 184 18.25 -5.94 9.74
N GLU A 185 18.60 -4.74 10.19
CA GLU A 185 19.88 -4.46 10.81
C GLU A 185 19.65 -3.69 12.10
N ASN A 186 20.53 -3.90 13.06
CA ASN A 186 20.45 -3.17 14.32
C ASN A 186 19.06 -3.33 14.95
N SER A 187 18.50 -4.54 14.81
CA SER A 187 17.23 -4.96 15.38
C SER A 187 16.06 -4.10 14.88
N SER A 188 16.24 -3.37 13.78
CA SER A 188 15.20 -2.53 13.21
C SER A 188 14.61 -3.21 11.97
N LYS A 189 13.39 -3.70 12.08
CA LYS A 189 12.71 -4.28 10.93
C LYS A 189 12.50 -3.20 9.88
N SER A 190 12.74 -3.52 8.61
CA SER A 190 12.59 -2.45 7.63
C SER A 190 11.13 -2.05 7.47
N SER A 191 10.17 -2.93 7.73
CA SER A 191 8.78 -2.49 7.74
C SER A 191 8.52 -1.42 8.81
N LEU A 192 9.20 -1.50 9.95
CA LEU A 192 9.02 -0.45 10.95
C LEU A 192 9.70 0.85 10.51
N GLU A 193 10.88 0.73 9.93
CA GLU A 193 11.50 1.88 9.30
C GLU A 193 10.56 2.49 8.26
N ASN A 194 9.89 1.64 7.49
CA ASN A 194 9.00 2.09 6.42
C ASN A 194 7.74 2.75 6.96
N VAL A 195 7.19 2.24 8.07
CA VAL A 195 6.07 2.93 8.69
C VAL A 195 6.46 4.35 9.07
N ARG A 196 7.65 4.51 9.69
CA ARG A 196 8.13 5.85 10.07
C ARG A 196 8.30 6.75 8.85
N ILE A 197 8.89 6.23 7.79
CA ILE A 197 9.02 7.02 6.56
C ILE A 197 7.65 7.52 6.10
N ILE A 198 6.67 6.62 5.99
CA ILE A 198 5.34 7.02 5.53
C ILE A 198 4.78 8.13 6.42
N ILE A 199 4.85 7.95 7.74
CA ILE A 199 4.31 8.97 8.64
C ILE A 199 5.05 10.30 8.46
N ASP A 200 6.38 10.28 8.50
CA ASP A 200 7.16 11.51 8.30
C ASP A 200 6.84 12.15 6.96
N ASP A 201 6.68 11.34 5.92
CA ASP A 201 6.35 11.89 4.61
C ASP A 201 4.98 12.57 4.62
N LEU A 202 3.99 11.96 5.27
CA LEU A 202 2.64 12.52 5.28
C LEU A 202 2.58 13.82 6.08
N VAL A 203 3.14 13.82 7.28
CA VAL A 203 3.22 15.06 8.07
C VAL A 203 3.79 16.19 7.23
N GLN A 204 4.89 15.90 6.51
CA GLN A 204 5.52 16.93 5.68
C GLN A 204 4.62 17.32 4.50
N ASN A 205 4.17 16.35 3.70
CA ASN A 205 3.55 16.65 2.42
C ASN A 205 2.03 16.70 2.44
N PHE A 206 1.38 16.12 3.44
CA PHE A 206 -0.08 16.18 3.57
C PHE A 206 -0.43 16.44 5.02
N PRO A 207 -0.08 17.63 5.52
CA PRO A 207 -0.31 17.92 6.94
C PRO A 207 -1.74 17.78 7.36
N ASP A 208 -2.70 17.97 6.46
CA ASP A 208 -4.10 17.81 6.83
C ASP A 208 -4.47 16.35 7.10
N LEU A 209 -3.72 15.39 6.54
CA LEU A 209 -4.01 13.99 6.82
C LEU A 209 -3.57 13.59 8.23
N ILE A 210 -2.37 13.96 8.65
CA ILE A 210 -1.88 13.71 9.99
C ILE A 210 -1.41 15.04 10.58
N LYS A 211 -2.18 15.59 11.52
CA LYS A 211 -1.81 16.86 12.13
C LYS A 211 -0.45 16.77 12.81
N GLU A 212 -0.33 15.90 13.80
CA GLU A 212 0.92 15.64 14.49
C GLU A 212 1.15 14.13 14.60
N LYS A 213 2.43 13.75 14.53
CA LYS A 213 2.85 12.35 14.61
C LYS A 213 2.26 11.63 15.81
N PRO A 214 1.97 10.34 15.68
CA PRO A 214 1.87 9.48 16.87
C PRO A 214 3.19 9.51 17.63
N ALA A 215 3.12 9.27 18.93
CA ALA A 215 4.34 9.10 19.72
C ALA A 215 5.14 7.89 19.22
N ASP A 216 6.46 7.98 19.35
CA ASP A 216 7.35 6.93 18.85
C ASP A 216 6.98 5.57 19.44
N GLU A 217 6.65 5.53 20.74
CA GLU A 217 6.34 4.24 21.37
C GLU A 217 5.01 3.68 20.91
N LEU A 218 4.05 4.54 20.55
CA LEU A 218 2.79 4.05 20.01
C LEU A 218 2.99 3.46 18.61
N ILE A 219 3.82 4.10 17.79
CA ILE A 219 4.21 3.50 16.52
C ILE A 219 4.85 2.14 16.75
N ASN A 220 5.78 2.06 17.69
CA ASN A 220 6.42 0.78 17.93
C ASN A 220 5.41 -0.27 18.37
N GLU A 221 4.52 0.08 19.29
CA GLU A 221 3.54 -0.90 19.76
C GLU A 221 2.58 -1.30 18.65
N CYS A 222 2.13 -0.34 17.83
CA CYS A 222 1.24 -0.69 16.74
C CYS A 222 1.93 -1.56 15.71
N PHE A 223 3.24 -1.34 15.49
CA PHE A 223 3.99 -2.21 14.59
C PHE A 223 4.18 -3.58 15.20
N GLN A 224 4.58 -3.63 16.47
CA GLN A 224 4.66 -4.90 17.18
C GLN A 224 3.37 -5.70 17.00
N LYS A 225 2.22 -5.03 17.13
CA LYS A 225 0.95 -5.75 16.92
C LYS A 225 0.88 -6.32 15.51
N ALA A 226 1.27 -5.53 14.51
CA ALA A 226 1.22 -6.00 13.12
C ALA A 226 2.22 -7.12 12.88
N LEU A 227 3.47 -6.94 13.35
CA LEU A 227 4.49 -7.96 13.13
C LEU A 227 4.04 -9.32 13.64
N ASP A 228 3.47 -9.36 14.85
CA ASP A 228 3.14 -10.63 15.50
C ASP A 228 1.73 -11.09 15.18
N TYR A 229 1.10 -10.51 14.18
CA TYR A 229 -0.21 -10.97 13.74
C TYR A 229 -0.07 -12.38 13.16
N LYS A 230 -0.84 -13.31 13.70
CA LYS A 230 -0.93 -14.65 13.14
C LYS A 230 -2.34 -14.89 12.59
N PRO A 231 -2.63 -14.43 11.35
CA PRO A 231 -3.97 -14.48 10.74
C PRO A 231 -4.63 -15.86 10.82
#